data_4M87
#
_entry.id   4M87
#
_cell.length_a   91.100
_cell.length_b   91.100
_cell.length_c   240.840
_cell.angle_alpha   90.00
_cell.angle_beta   90.00
_cell.angle_gamma   120.00
#
_symmetry.space_group_name_H-M   'P 61 2 2'
#
loop_
_entity.id
_entity.type
_entity.pdbx_description
1 polymer 'Enoyl-[acyl-carrier-protein] reductase [NADH]'
2 non-polymer NICOTINAMIDE-ADENINE-DINUCLEOTIDE
3 water water
#
_entity_poly.entity_id   1
_entity_poly.type   'polypeptide(L)'
_entity_poly.pdbx_seq_one_letter_code
;MGFLQGKKILITGMISERSIAYGIAKACREQGAELAFTYVVDKLEERVRKMAAELDSELVFRCDVASDDEINQVFADLGK
HWDGLDGLVHSIGFAPKEALSGDFLDSISREAFNTAHEISAYSLPALAKAARPMMRGRNSAIVALSYLGAVRAIPNYNVM
GMAKASLEAGIRFTAACLGKEGIRCNGISAGPIKTLAASGIADFGKLLGHVAAHNPLRRNVTIEEVGNTAAFLLSDLSSG
ITGEITYVDGGYSINALSTEG
;
_entity_poly.pdbx_strand_id   A,B
#
loop_
_chem_comp.id
_chem_comp.type
_chem_comp.name
_chem_comp.formula
NAD non-polymer NICOTINAMIDE-ADENINE-DINUCLEOTIDE 'C21 H27 N7 O14 P2'
#
# COMPACT_ATOMS: atom_id res chain seq x y z
N GLY A 2 9.71 -10.00 14.74
CA GLY A 2 8.92 -9.51 13.57
C GLY A 2 7.78 -8.61 13.94
N PHE A 3 7.27 -7.87 12.95
CA PHE A 3 6.20 -6.91 13.21
C PHE A 3 4.80 -7.55 13.31
N LEU A 4 4.71 -8.88 13.25
CA LEU A 4 3.47 -9.60 13.50
C LEU A 4 3.62 -10.55 14.70
N GLN A 5 4.63 -10.32 15.53
CA GLN A 5 4.96 -11.24 16.62
C GLN A 5 3.73 -11.58 17.48
N GLY A 6 3.37 -12.86 17.55
CA GLY A 6 2.23 -13.28 18.34
C GLY A 6 0.86 -13.01 17.74
N LYS A 7 0.79 -12.37 16.58
CA LYS A 7 -0.50 -12.10 15.93
C LYS A 7 -1.06 -13.42 15.40
N LYS A 8 -2.34 -13.67 15.65
CA LYS A 8 -3.00 -14.90 15.17
C LYS A 8 -3.76 -14.62 13.88
N ILE A 9 -3.40 -15.33 12.81
CA ILE A 9 -3.88 -15.03 11.47
C ILE A 9 -4.46 -16.27 10.75
N LEU A 10 -5.71 -16.15 10.30
CA LEU A 10 -6.37 -17.20 9.53
C LEU A 10 -6.21 -16.91 8.03
N ILE A 11 -5.66 -17.88 7.30
CA ILE A 11 -5.38 -17.74 5.88
C ILE A 11 -6.17 -18.72 5.03
N THR A 12 -6.97 -18.18 4.13
CA THR A 12 -7.72 -18.98 3.16
C THR A 12 -6.93 -19.14 1.86
N GLY A 13 -7.25 -20.17 1.09
CA GLY A 13 -6.81 -20.25 -0.30
C GLY A 13 -5.42 -20.80 -0.59
N MET A 14 -4.75 -21.33 0.41
CA MET A 14 -3.41 -21.91 0.20
C MET A 14 -3.54 -23.36 -0.25
N ILE A 15 -3.39 -23.61 -1.54
CA ILE A 15 -3.47 -24.99 -2.08
C ILE A 15 -2.15 -25.51 -2.68
N SER A 16 -1.19 -24.64 -2.92
CA SER A 16 0.16 -25.08 -3.29
C SER A 16 1.16 -24.00 -2.95
N GLU A 17 2.44 -24.32 -3.12
CA GLU A 17 3.51 -23.37 -2.88
C GLU A 17 3.63 -22.30 -3.99
N ARG A 18 2.83 -22.44 -5.05
CA ARG A 18 2.65 -21.36 -6.04
C ARG A 18 1.54 -20.37 -5.60
N SER A 19 0.67 -20.78 -4.69
CA SER A 19 -0.44 -19.94 -4.24
C SER A 19 0.00 -18.60 -3.67
N ILE A 20 -0.75 -17.56 -4.02
CA ILE A 20 -0.55 -16.25 -3.39
C ILE A 20 -0.66 -16.38 -1.87
N ALA A 21 -1.62 -17.18 -1.42
CA ALA A 21 -1.84 -17.41 0.01
C ALA A 21 -0.62 -18.03 0.70
N TYR A 22 0.13 -18.86 -0.02
CA TYR A 22 1.39 -19.42 0.52
C TYR A 22 2.43 -18.31 0.71
N GLY A 23 2.57 -17.46 -0.30
CA GLY A 23 3.44 -16.29 -0.20
C GLY A 23 3.09 -15.44 1.02
N ILE A 24 1.79 -15.25 1.23
CA ILE A 24 1.29 -14.46 2.38
C ILE A 24 1.60 -15.18 3.70
N ALA A 25 1.33 -16.47 3.73
CA ALA A 25 1.57 -17.28 4.91
C ALA A 25 3.04 -17.24 5.31
N LYS A 26 3.91 -17.44 4.34
CA LYS A 26 5.35 -17.44 4.56
C LYS A 26 5.81 -16.07 5.11
N ALA A 27 5.39 -15.00 4.44
CA ALA A 27 5.71 -13.64 4.86
C ALA A 27 5.26 -13.33 6.29
N CYS A 28 4.04 -13.74 6.62
CA CYS A 28 3.50 -13.55 7.96
C CYS A 28 4.27 -14.33 9.01
N ARG A 29 4.61 -15.58 8.69
CA ARG A 29 5.34 -16.44 9.61
C ARG A 29 6.75 -15.90 9.89
N GLU A 30 7.41 -15.40 8.84
CA GLU A 30 8.70 -14.71 8.99
C GLU A 30 8.65 -13.51 9.95
N GLN A 31 7.49 -12.88 10.08
CA GLN A 31 7.31 -11.75 11.01
C GLN A 31 6.71 -12.15 12.37
N GLY A 32 6.63 -13.44 12.63
CA GLY A 32 6.29 -13.94 13.96
C GLY A 32 4.84 -14.33 14.17
N ALA A 33 4.02 -14.23 13.12
CA ALA A 33 2.60 -14.57 13.24
C ALA A 33 2.41 -16.07 13.52
N GLU A 34 1.32 -16.39 14.22
CA GLU A 34 0.85 -17.77 14.36
C GLU A 34 -0.30 -17.96 13.39
N LEU A 35 -0.26 -19.05 12.63
CA LEU A 35 -1.16 -19.21 11.49
C LEU A 35 -2.18 -20.33 11.63
N ALA A 36 -3.28 -20.18 10.92
CA ALA A 36 -4.25 -21.23 10.72
C ALA A 36 -4.73 -21.14 9.29
N PHE A 37 -5.29 -22.24 8.78
CA PHE A 37 -5.59 -22.36 7.36
C PHE A 37 -6.92 -23.02 7.11
N THR A 38 -7.54 -22.66 5.98
CA THR A 38 -8.71 -23.36 5.48
C THR A 38 -8.37 -24.05 4.17
N TYR A 39 -9.17 -25.05 3.82
CA TYR A 39 -9.06 -25.74 2.54
C TYR A 39 -10.47 -26.06 2.03
N VAL A 40 -10.66 -25.98 0.72
CA VAL A 40 -12.00 -26.04 0.15
C VAL A 40 -12.65 -27.42 0.21
N VAL A 41 -11.90 -28.48 -0.09
CA VAL A 41 -12.43 -29.86 -0.12
C VAL A 41 -11.53 -30.89 0.55
N ASP A 42 -12.13 -31.99 1.02
CA ASP A 42 -11.38 -33.05 1.73
C ASP A 42 -10.18 -33.61 0.97
N LYS A 43 -10.26 -33.58 -0.35
CA LYS A 43 -9.21 -34.08 -1.23
C LYS A 43 -7.86 -33.32 -1.09
N LEU A 44 -7.92 -32.10 -0.59
CA LEU A 44 -6.74 -31.25 -0.41
C LEU A 44 -6.19 -31.21 1.02
N GLU A 45 -6.92 -31.81 1.97
CA GLU A 45 -6.59 -31.72 3.39
C GLU A 45 -5.14 -32.10 3.68
N GLU A 46 -4.69 -33.24 3.17
CA GLU A 46 -3.34 -33.72 3.47
C GLU A 46 -2.28 -32.74 2.98
N ARG A 47 -2.46 -32.27 1.77
CA ARG A 47 -1.54 -31.31 1.18
C ARG A 47 -1.45 -30.03 2.04
N VAL A 48 -2.60 -29.52 2.48
CA VAL A 48 -2.65 -28.28 3.22
C VAL A 48 -2.09 -28.46 4.63
N ARG A 49 -2.38 -29.59 5.26
CA ARG A 49 -1.80 -29.90 6.56
C ARG A 49 -0.29 -29.96 6.52
N LYS A 50 0.24 -30.57 5.46
CA LYS A 50 1.67 -30.67 5.28
C LYS A 50 2.28 -29.27 5.15
N MET A 51 1.71 -28.45 4.29
CA MET A 51 2.19 -27.08 4.10
C MET A 51 2.08 -26.29 5.41
N ALA A 52 0.94 -26.44 6.09
CA ALA A 52 0.72 -25.77 7.38
C ALA A 52 1.77 -26.15 8.42
N ALA A 53 2.04 -27.45 8.54
CA ALA A 53 3.06 -27.98 9.46
C ALA A 53 4.43 -27.34 9.23
N GLU A 54 4.80 -27.16 7.96
CA GLU A 54 6.03 -26.45 7.61
C GLU A 54 6.03 -24.99 8.05
N LEU A 55 4.85 -24.39 8.14
CA LEU A 55 4.71 -23.04 8.68
C LEU A 55 4.36 -23.07 10.19
N ASP A 56 4.70 -24.18 10.85
CA ASP A 56 4.55 -24.35 12.30
C ASP A 56 3.11 -24.34 12.78
N SER A 57 2.18 -24.80 11.95
CA SER A 57 0.76 -24.79 12.30
C SER A 57 0.13 -26.16 12.15
N GLU A 58 -0.77 -26.48 13.06
CA GLU A 58 -1.60 -27.67 12.91
C GLU A 58 -3.07 -27.28 13.09
N LEU A 59 -3.38 -26.01 12.78
CA LEU A 59 -4.76 -25.54 12.79
C LEU A 59 -5.25 -25.41 11.35
N VAL A 60 -5.97 -26.44 10.91
CA VAL A 60 -6.42 -26.55 9.52
C VAL A 60 -7.88 -26.94 9.50
N PHE A 61 -8.69 -26.23 8.72
CA PHE A 61 -10.14 -26.41 8.71
C PHE A 61 -10.73 -26.41 7.31
N ARG A 62 -11.72 -27.25 7.09
CA ARG A 62 -12.37 -27.31 5.81
C ARG A 62 -13.33 -26.14 5.70
N CYS A 63 -13.32 -25.46 4.55
CA CYS A 63 -14.25 -24.37 4.30
C CYS A 63 -14.48 -24.15 2.81
N ASP A 64 -15.66 -24.57 2.35
CA ASP A 64 -16.18 -24.17 1.05
C ASP A 64 -17.03 -22.93 1.28
N VAL A 65 -16.61 -21.80 0.74
CA VAL A 65 -17.30 -20.52 0.99
C VAL A 65 -18.66 -20.42 0.31
N ALA A 66 -19.03 -21.45 -0.45
CA ALA A 66 -20.40 -21.63 -0.91
C ALA A 66 -21.36 -21.93 0.24
N SER A 67 -20.81 -22.38 1.37
CA SER A 67 -21.61 -22.85 2.50
C SER A 67 -21.48 -21.95 3.72
N ASP A 68 -22.60 -21.32 4.11
CA ASP A 68 -22.63 -20.52 5.34
C ASP A 68 -22.35 -21.39 6.57
N ASP A 69 -22.86 -22.62 6.58
CA ASP A 69 -22.59 -23.54 7.68
C ASP A 69 -21.08 -23.70 7.88
N GLU A 70 -20.37 -24.01 6.79
CA GLU A 70 -18.93 -24.26 6.87
C GLU A 70 -18.13 -23.03 7.28
N ILE A 71 -18.50 -21.87 6.74
CA ILE A 71 -17.83 -20.60 7.07
C ILE A 71 -17.93 -20.37 8.58
N ASN A 72 -19.14 -20.43 9.10
CA ASN A 72 -19.34 -20.21 10.53
C ASN A 72 -18.72 -21.29 11.40
N GLN A 73 -18.68 -22.53 10.90
CA GLN A 73 -18.10 -23.65 11.66
C GLN A 73 -16.60 -23.46 11.84
N VAL A 74 -15.94 -22.85 10.86
CA VAL A 74 -14.50 -22.59 10.95
C VAL A 74 -14.19 -21.81 12.24
N PHE A 75 -14.95 -20.77 12.50
CA PHE A 75 -14.67 -19.89 13.63
C PHE A 75 -15.07 -20.51 14.98
N ALA A 76 -16.15 -21.29 14.97
CA ALA A 76 -16.52 -22.11 16.13
C ALA A 76 -15.38 -23.08 16.51
N ASP A 77 -14.81 -23.74 15.50
CA ASP A 77 -13.69 -24.66 15.73
C ASP A 77 -12.40 -23.93 16.10
N LEU A 78 -12.12 -22.83 15.40
CA LEU A 78 -10.90 -22.05 15.66
C LEU A 78 -10.91 -21.49 17.06
N GLY A 79 -12.10 -21.06 17.49
CA GLY A 79 -12.33 -20.54 18.84
C GLY A 79 -11.98 -21.50 19.98
N LYS A 80 -11.94 -22.81 19.72
CA LYS A 80 -11.48 -23.79 20.71
C LYS A 80 -9.99 -23.64 20.99
N HIS A 81 -9.26 -23.05 20.05
CA HIS A 81 -7.80 -22.97 20.16
C HIS A 81 -7.32 -21.54 20.40
N TRP A 82 -8.02 -20.58 19.82
CA TRP A 82 -7.64 -19.18 19.90
C TRP A 82 -8.74 -18.37 20.59
N ASP A 83 -8.36 -17.48 21.50
CA ASP A 83 -9.32 -16.62 22.20
C ASP A 83 -9.81 -15.46 21.35
N GLY A 84 -9.07 -15.15 20.29
CA GLY A 84 -9.45 -14.09 19.35
C GLY A 84 -8.64 -14.25 18.08
N LEU A 85 -8.96 -13.42 17.09
CA LEU A 85 -8.32 -13.48 15.79
C LEU A 85 -7.80 -12.10 15.41
N ASP A 86 -6.53 -12.00 15.05
CA ASP A 86 -5.90 -10.72 14.71
C ASP A 86 -5.84 -10.43 13.22
N GLY A 87 -5.88 -11.48 12.40
CA GLY A 87 -5.74 -11.33 10.96
C GLY A 87 -6.58 -12.33 10.19
N LEU A 88 -7.13 -11.86 9.07
CA LEU A 88 -7.93 -12.69 8.20
C LEU A 88 -7.53 -12.41 6.76
N VAL A 89 -7.12 -13.46 6.06
CA VAL A 89 -6.70 -13.37 4.67
C VAL A 89 -7.69 -14.07 3.76
N HIS A 90 -8.29 -13.28 2.87
CA HIS A 90 -9.15 -13.75 1.79
C HIS A 90 -8.28 -13.87 0.55
N SER A 91 -8.07 -15.10 0.08
CA SER A 91 -7.28 -15.34 -1.13
C SER A 91 -7.96 -16.46 -1.93
N ILE A 92 -9.19 -16.16 -2.34
CA ILE A 92 -10.10 -17.13 -2.93
C ILE A 92 -10.82 -16.49 -4.10
N GLY A 93 -10.89 -17.20 -5.21
CA GLY A 93 -11.66 -16.77 -6.37
C GLY A 93 -12.02 -17.97 -7.23
N PHE A 94 -13.13 -17.87 -7.95
CA PHE A 94 -13.55 -18.89 -8.90
C PHE A 94 -14.62 -18.39 -9.87
N ALA A 95 -14.49 -18.82 -11.12
CA ALA A 95 -15.55 -18.72 -12.13
C ALA A 95 -15.40 -19.91 -13.07
N PRO A 96 -16.53 -20.42 -13.61
CA PRO A 96 -16.40 -21.51 -14.59
C PRO A 96 -15.44 -21.14 -15.73
N LYS A 97 -14.55 -22.06 -16.08
CA LYS A 97 -13.56 -21.85 -17.15
C LYS A 97 -14.15 -21.27 -18.43
N GLU A 98 -15.29 -21.81 -18.85
CA GLU A 98 -15.96 -21.39 -20.08
C GLU A 98 -16.35 -19.90 -20.10
N ALA A 99 -16.56 -19.31 -18.92
CA ALA A 99 -16.87 -17.89 -18.83
C ALA A 99 -15.61 -17.02 -18.92
N LEU A 100 -14.44 -17.64 -18.85
CA LEU A 100 -13.16 -16.93 -18.82
C LEU A 100 -12.39 -17.07 -20.14
N SER A 101 -13.12 -17.19 -21.24
CA SER A 101 -12.50 -17.40 -22.54
C SER A 101 -13.31 -16.72 -23.64
N GLY A 102 -12.66 -15.91 -24.46
CA GLY A 102 -13.29 -15.32 -25.64
C GLY A 102 -14.22 -14.15 -25.35
N ASP A 103 -15.16 -13.94 -26.25
CA ASP A 103 -16.08 -12.82 -26.23
C ASP A 103 -16.82 -12.75 -24.88
N PHE A 104 -16.79 -11.58 -24.26
CA PHE A 104 -17.38 -11.37 -22.94
C PHE A 104 -18.83 -11.81 -22.86
N LEU A 105 -19.67 -11.30 -23.77
CA LEU A 105 -21.09 -11.60 -23.74
C LEU A 105 -21.42 -13.03 -24.17
N ASP A 106 -20.73 -13.55 -25.19
CA ASP A 106 -20.94 -14.93 -25.59
C ASP A 106 -20.58 -15.89 -24.46
N SER A 107 -19.51 -15.59 -23.73
CA SER A 107 -18.99 -16.49 -22.71
C SER A 107 -19.78 -16.39 -21.41
N ILE A 108 -20.49 -15.29 -21.20
CA ILE A 108 -21.17 -15.07 -19.92
C ILE A 108 -22.49 -15.86 -19.89
N SER A 109 -22.90 -16.22 -18.69
CA SER A 109 -24.24 -16.75 -18.44
C SER A 109 -24.64 -16.34 -17.03
N ARG A 110 -25.95 -16.37 -16.77
CA ARG A 110 -26.51 -16.08 -15.46
C ARG A 110 -25.84 -16.93 -14.37
N GLU A 111 -25.71 -18.22 -14.63
CA GLU A 111 -25.17 -19.16 -13.66
C GLU A 111 -23.70 -18.90 -13.36
N ALA A 112 -22.93 -18.62 -14.41
CA ALA A 112 -21.52 -18.31 -14.24
C ALA A 112 -21.33 -16.99 -13.48
N PHE A 113 -22.13 -15.99 -13.82
CA PHE A 113 -22.14 -14.72 -13.10
C PHE A 113 -22.41 -14.95 -11.61
N ASN A 114 -23.47 -15.69 -11.31
CA ASN A 114 -23.86 -15.98 -9.94
C ASN A 114 -22.76 -16.69 -9.15
N THR A 115 -22.19 -17.74 -9.74
CA THR A 115 -21.11 -18.47 -9.12
C THR A 115 -19.87 -17.59 -8.90
N ALA A 116 -19.46 -16.86 -9.93
CA ALA A 116 -18.29 -15.99 -9.81
C ALA A 116 -18.43 -14.98 -8.66
N HIS A 117 -19.58 -14.33 -8.59
CA HIS A 117 -19.81 -13.29 -7.58
C HIS A 117 -19.93 -13.88 -6.19
N GLU A 118 -20.61 -15.00 -6.08
CA GLU A 118 -20.81 -15.64 -4.81
C GLU A 118 -19.49 -16.12 -4.21
N ILE A 119 -18.68 -16.83 -5.00
CA ILE A 119 -17.43 -17.40 -4.48
C ILE A 119 -16.36 -16.32 -4.34
N SER A 120 -16.30 -15.39 -5.30
CA SER A 120 -15.19 -14.43 -5.36
C SER A 120 -15.44 -13.11 -4.67
N ALA A 121 -16.70 -12.71 -4.50
CA ALA A 121 -17.04 -11.41 -3.90
C ALA A 121 -17.81 -11.53 -2.60
N TYR A 122 -18.92 -12.25 -2.59
CA TYR A 122 -19.69 -12.39 -1.35
C TYR A 122 -18.87 -13.03 -0.22
N SER A 123 -17.95 -13.91 -0.59
CA SER A 123 -17.10 -14.57 0.39
C SER A 123 -16.31 -13.60 1.30
N LEU A 124 -16.04 -12.38 0.85
CA LEU A 124 -15.30 -11.44 1.68
C LEU A 124 -16.18 -10.97 2.87
N PRO A 125 -17.32 -10.31 2.60
CA PRO A 125 -18.18 -9.97 3.74
C PRO A 125 -18.67 -11.18 4.52
N ALA A 126 -18.92 -12.30 3.87
CA ALA A 126 -19.34 -13.51 4.57
C ALA A 126 -18.29 -13.92 5.63
N LEU A 127 -17.01 -13.94 5.24
CA LEU A 127 -15.95 -14.27 6.18
C LEU A 127 -15.73 -13.19 7.25
N ALA A 128 -15.81 -11.93 6.85
CA ALA A 128 -15.66 -10.84 7.82
C ALA A 128 -16.75 -10.92 8.86
N LYS A 129 -17.97 -11.15 8.41
CA LYS A 129 -19.11 -11.26 9.30
C LYS A 129 -18.94 -12.39 10.31
N ALA A 130 -18.52 -13.56 9.83
CA ALA A 130 -18.35 -14.74 10.67
C ALA A 130 -17.16 -14.63 11.61
N ALA A 131 -16.15 -13.87 11.21
CA ALA A 131 -14.99 -13.62 12.05
C ALA A 131 -15.16 -12.48 13.06
N ARG A 132 -16.21 -11.68 12.90
CA ARG A 132 -16.38 -10.43 13.63
C ARG A 132 -16.30 -10.59 15.17
N PRO A 133 -17.03 -11.57 15.76
CA PRO A 133 -16.90 -11.74 17.21
C PRO A 133 -15.46 -12.02 17.70
N MET A 134 -14.69 -12.76 16.92
CA MET A 134 -13.30 -13.08 17.29
C MET A 134 -12.34 -11.93 17.03
N MET A 135 -12.68 -11.03 16.11
CA MET A 135 -11.75 -9.96 15.67
C MET A 135 -11.99 -8.60 16.34
N ARG A 136 -13.23 -8.34 16.72
CA ARG A 136 -13.58 -7.01 17.23
C ARG A 136 -12.87 -6.68 18.54
N GLY A 137 -12.50 -5.40 18.66
CA GLY A 137 -11.83 -4.90 19.86
C GLY A 137 -10.37 -5.29 19.98
N ARG A 138 -9.77 -5.80 18.91
CA ARG A 138 -8.38 -6.24 18.94
C ARG A 138 -7.38 -5.43 18.10
N ASN A 139 -7.83 -4.41 17.39
CA ASN A 139 -6.98 -3.77 16.36
C ASN A 139 -6.48 -4.82 15.36
N SER A 140 -7.44 -5.54 14.80
CA SER A 140 -7.17 -6.64 13.91
C SER A 140 -7.29 -6.15 12.47
N ALA A 141 -7.09 -7.04 11.51
CA ALA A 141 -7.07 -6.63 10.10
C ALA A 141 -7.45 -7.75 9.15
N ILE A 142 -8.09 -7.35 8.05
CA ILE A 142 -8.50 -8.24 6.98
C ILE A 142 -7.80 -7.79 5.70
N VAL A 143 -7.34 -8.76 4.91
CA VAL A 143 -6.73 -8.51 3.60
C VAL A 143 -7.35 -9.43 2.55
N ALA A 144 -7.74 -8.87 1.41
CA ALA A 144 -8.29 -9.64 0.29
C ALA A 144 -7.56 -9.35 -1.02
N LEU A 145 -7.52 -10.35 -1.90
CA LEU A 145 -6.80 -10.26 -3.18
C LEU A 145 -7.75 -9.93 -4.34
N SER A 146 -7.42 -8.88 -5.08
CA SER A 146 -8.19 -8.47 -6.23
C SER A 146 -7.27 -8.43 -7.45
N TYR A 147 -7.83 -7.97 -8.56
CA TYR A 147 -7.13 -7.92 -9.83
C TYR A 147 -7.67 -6.74 -10.66
N LEU A 148 -6.80 -6.20 -11.49
CA LEU A 148 -7.08 -5.07 -12.38
C LEU A 148 -8.42 -5.11 -13.16
N GLY A 149 -8.94 -6.30 -13.39
CA GLY A 149 -10.24 -6.45 -14.05
C GLY A 149 -11.38 -5.73 -13.35
N ALA A 150 -11.21 -5.46 -12.05
CA ALA A 150 -12.16 -4.65 -11.30
C ALA A 150 -12.39 -3.28 -11.96
N VAL A 151 -11.31 -2.68 -12.43
CA VAL A 151 -11.31 -1.29 -12.90
C VAL A 151 -10.94 -1.11 -14.38
N ARG A 152 -10.50 -2.19 -15.05
CA ARG A 152 -10.26 -2.14 -16.51
C ARG A 152 -10.91 -3.32 -17.20
N ALA A 153 -11.41 -3.11 -18.42
CA ALA A 153 -11.76 -4.22 -19.31
C ALA A 153 -10.49 -4.89 -19.78
N ILE A 154 -10.45 -6.21 -19.68
CA ILE A 154 -9.27 -7.01 -19.99
C ILE A 154 -9.73 -8.24 -20.76
N PRO A 155 -8.99 -8.66 -21.80
CA PRO A 155 -9.43 -9.84 -22.54
C PRO A 155 -9.46 -11.11 -21.68
N ASN A 156 -10.51 -11.89 -21.86
CA ASN A 156 -10.66 -13.23 -21.26
C ASN A 156 -11.08 -13.24 -19.78
N TYR A 157 -10.75 -12.20 -19.03
CA TYR A 157 -11.03 -12.17 -17.60
C TYR A 157 -12.54 -12.07 -17.41
N ASN A 158 -13.19 -11.30 -18.31
CA ASN A 158 -14.63 -11.32 -18.51
C ASN A 158 -15.41 -11.13 -17.21
N VAL A 159 -16.28 -12.08 -16.88
CA VAL A 159 -17.18 -11.93 -15.74
C VAL A 159 -16.43 -11.79 -14.40
N MET A 160 -15.19 -12.28 -14.34
CA MET A 160 -14.39 -12.13 -13.11
C MET A 160 -14.11 -10.66 -12.79
N GLY A 161 -14.04 -9.83 -13.82
CA GLY A 161 -13.84 -8.40 -13.63
C GLY A 161 -14.99 -7.78 -12.84
N MET A 162 -16.21 -8.18 -13.16
CA MET A 162 -17.39 -7.73 -12.43
C MET A 162 -17.31 -8.19 -10.97
N ALA A 163 -16.91 -9.45 -10.78
CA ALA A 163 -16.80 -10.01 -9.45
C ALA A 163 -15.73 -9.32 -8.61
N LYS A 164 -14.60 -9.01 -9.21
CA LYS A 164 -13.54 -8.28 -8.49
C LYS A 164 -13.97 -6.85 -8.15
N ALA A 165 -14.75 -6.22 -9.01
CA ALA A 165 -15.27 -4.88 -8.73
C ALA A 165 -16.20 -4.92 -7.52
N SER A 166 -17.06 -5.93 -7.47
CA SER A 166 -17.94 -6.16 -6.32
C SER A 166 -17.12 -6.37 -5.05
N LEU A 167 -16.07 -7.19 -5.17
CA LEU A 167 -15.14 -7.43 -4.07
C LEU A 167 -14.51 -6.15 -3.53
N GLU A 168 -13.94 -5.34 -4.42
CA GLU A 168 -13.30 -4.09 -3.98
C GLU A 168 -14.28 -3.15 -3.28
N ALA A 169 -15.50 -3.06 -3.79
CA ALA A 169 -16.54 -2.30 -3.09
C ALA A 169 -16.84 -2.95 -1.73
N GLY A 170 -16.87 -4.28 -1.70
CA GLY A 170 -17.01 -5.03 -0.44
C GLY A 170 -15.96 -4.69 0.60
N ILE A 171 -14.73 -4.49 0.13
CA ILE A 171 -13.62 -4.09 0.99
C ILE A 171 -13.89 -2.72 1.60
N ARG A 172 -14.35 -1.77 0.78
CA ARG A 172 -14.67 -0.44 1.28
C ARG A 172 -15.81 -0.45 2.30
N PHE A 173 -16.88 -1.19 2.00
CA PHE A 173 -18.03 -1.27 2.89
C PHE A 173 -17.71 -1.99 4.21
N THR A 174 -16.92 -3.06 4.13
CA THR A 174 -16.46 -3.75 5.33
C THR A 174 -15.58 -2.85 6.20
N ALA A 175 -14.66 -2.12 5.57
CA ALA A 175 -13.82 -1.17 6.28
C ALA A 175 -14.65 -0.09 7.02
N ALA A 176 -15.61 0.50 6.31
CA ALA A 176 -16.50 1.51 6.90
C ALA A 176 -17.35 0.93 8.03
N CYS A 177 -17.75 -0.32 7.87
CA CYS A 177 -18.57 -1.01 8.85
C CYS A 177 -17.81 -1.31 10.14
N LEU A 178 -16.58 -1.78 10.04
CA LEU A 178 -15.86 -2.34 11.19
C LEU A 178 -14.80 -1.45 11.83
N GLY A 179 -14.54 -0.30 11.23
CA GLY A 179 -13.48 0.58 11.70
C GLY A 179 -13.66 1.02 13.15
N LYS A 180 -14.90 1.33 13.53
CA LYS A 180 -15.22 1.73 14.91
C LYS A 180 -14.87 0.61 15.93
N GLU A 181 -15.03 -0.65 15.54
CA GLU A 181 -14.63 -1.80 16.37
C GLU A 181 -13.16 -2.16 16.34
N GLY A 182 -12.36 -1.38 15.62
CA GLY A 182 -10.93 -1.65 15.52
C GLY A 182 -10.56 -2.81 14.62
N ILE A 183 -11.32 -3.01 13.54
CA ILE A 183 -10.97 -4.01 12.54
C ILE A 183 -10.79 -3.25 11.24
N ARG A 184 -9.63 -3.42 10.61
CA ARG A 184 -9.36 -2.82 9.30
C ARG A 184 -9.61 -3.82 8.18
N CYS A 185 -9.86 -3.32 6.99
CA CYS A 185 -10.09 -4.15 5.81
C CYS A 185 -9.52 -3.48 4.57
N ASN A 186 -8.54 -4.15 3.97
CA ASN A 186 -7.83 -3.64 2.80
C ASN A 186 -7.70 -4.69 1.72
N GLY A 187 -7.42 -4.22 0.50
CA GLY A 187 -7.22 -5.10 -0.64
C GLY A 187 -5.83 -4.95 -1.22
N ILE A 188 -5.38 -6.01 -1.90
CA ILE A 188 -4.20 -5.96 -2.74
C ILE A 188 -4.64 -6.35 -4.14
N SER A 189 -4.38 -5.47 -5.12
CA SER A 189 -4.58 -5.81 -6.52
C SER A 189 -3.23 -6.27 -7.07
N ALA A 190 -3.07 -7.58 -7.17
CA ALA A 190 -1.80 -8.17 -7.57
C ALA A 190 -1.69 -8.21 -9.08
N GLY A 191 -0.47 -8.07 -9.58
CA GLY A 191 -0.19 -8.36 -10.96
C GLY A 191 -0.36 -9.84 -11.24
N PRO A 192 -0.36 -10.23 -12.53
CA PRO A 192 -0.53 -11.64 -12.85
C PRO A 192 0.62 -12.49 -12.29
N ILE A 193 0.26 -13.64 -11.74
CA ILE A 193 1.21 -14.60 -11.22
C ILE A 193 0.74 -15.99 -11.65
N LYS A 194 1.69 -16.84 -12.05
CA LYS A 194 1.37 -18.21 -12.45
C LYS A 194 0.92 -19.07 -11.26
N THR A 195 -0.39 -19.30 -11.17
CA THR A 195 -1.00 -20.10 -10.12
C THR A 195 -2.02 -21.05 -10.74
N LEU A 196 -2.49 -22.02 -9.97
CA LEU A 196 -3.51 -22.95 -10.45
C LEU A 196 -4.76 -22.22 -10.97
N ALA A 197 -5.29 -21.28 -10.19
CA ALA A 197 -6.49 -20.55 -10.59
C ALA A 197 -6.27 -19.71 -11.86
N ALA A 198 -5.08 -19.13 -11.97
CA ALA A 198 -4.76 -18.28 -13.14
C ALA A 198 -4.81 -19.05 -14.46
N SER A 199 -4.45 -20.32 -14.42
CA SER A 199 -4.51 -21.18 -15.61
C SER A 199 -5.94 -21.40 -16.08
N GLY A 200 -6.93 -21.10 -15.24
CA GLY A 200 -8.33 -21.07 -15.66
C GLY A 200 -8.64 -20.00 -16.71
N ILE A 201 -7.82 -18.96 -16.79
CA ILE A 201 -8.09 -17.86 -17.71
C ILE A 201 -7.43 -18.19 -19.05
N ALA A 202 -8.19 -18.09 -20.13
CA ALA A 202 -7.63 -18.30 -21.48
C ALA A 202 -6.51 -17.29 -21.78
N ASP A 203 -5.45 -17.78 -22.46
CA ASP A 203 -4.32 -16.94 -22.87
C ASP A 203 -3.61 -16.24 -21.71
N PHE A 204 -3.61 -16.87 -20.53
CA PHE A 204 -2.97 -16.27 -19.36
C PHE A 204 -1.48 -15.95 -19.57
N GLY A 205 -0.74 -16.88 -20.20
CA GLY A 205 0.69 -16.70 -20.48
C GLY A 205 1.02 -15.44 -21.30
N LYS A 206 0.03 -14.97 -22.06
CA LYS A 206 0.18 -13.72 -22.81
C LYS A 206 0.02 -12.49 -21.91
N LEU A 207 -0.92 -12.54 -20.96
CA LEU A 207 -1.08 -11.46 -19.98
C LEU A 207 0.21 -11.28 -19.19
N LEU A 208 0.80 -12.41 -18.81
CA LEU A 208 2.02 -12.44 -18.02
C LEU A 208 3.20 -11.85 -18.78
N GLY A 209 3.35 -12.27 -20.04
CA GLY A 209 4.42 -11.76 -20.91
C GLY A 209 4.27 -10.27 -21.20
N HIS A 210 3.03 -9.82 -21.37
CA HIS A 210 2.74 -8.44 -21.70
C HIS A 210 3.06 -7.52 -20.52
N VAL A 211 2.62 -7.91 -19.33
CA VAL A 211 2.87 -7.11 -18.13
C VAL A 211 4.36 -6.90 -17.88
N ALA A 212 5.15 -7.97 -17.94
CA ALA A 212 6.60 -7.87 -17.75
C ALA A 212 7.28 -6.97 -18.77
N ALA A 213 6.75 -6.93 -19.98
CA ALA A 213 7.31 -6.07 -21.01
C ALA A 213 6.85 -4.62 -20.87
N HIS A 214 5.77 -4.38 -20.15
CA HIS A 214 5.14 -3.05 -20.15
C HIS A 214 5.06 -2.30 -18.84
N ASN A 215 5.33 -2.96 -17.71
CA ASN A 215 5.26 -2.25 -16.45
C ASN A 215 6.57 -1.53 -16.11
N PRO A 216 6.49 -0.48 -15.30
CA PRO A 216 7.69 0.25 -14.88
C PRO A 216 8.88 -0.63 -14.47
N LEU A 217 8.63 -1.69 -13.73
CA LEU A 217 9.71 -2.56 -13.26
C LEU A 217 10.24 -3.51 -14.33
N ARG A 218 9.53 -3.65 -15.46
CA ARG A 218 9.90 -4.56 -16.53
C ARG A 218 10.04 -6.01 -16.04
N ARG A 219 9.17 -6.40 -15.13
CA ARG A 219 9.08 -7.78 -14.67
C ARG A 219 7.77 -7.99 -13.93
N ASN A 220 7.41 -9.25 -13.78
CA ASN A 220 6.26 -9.61 -12.99
C ASN A 220 6.59 -9.65 -11.52
N VAL A 221 5.56 -9.52 -10.70
CA VAL A 221 5.74 -9.56 -9.26
C VAL A 221 5.72 -11.00 -8.78
N THR A 222 6.15 -11.21 -7.54
CA THR A 222 6.23 -12.54 -6.96
C THR A 222 5.25 -12.66 -5.80
N ILE A 223 4.98 -13.90 -5.41
CA ILE A 223 4.11 -14.14 -4.26
C ILE A 223 4.72 -13.62 -2.96
N GLU A 224 6.04 -13.52 -2.94
CA GLU A 224 6.74 -12.95 -1.79
C GLU A 224 6.44 -11.45 -1.70
N GLU A 225 6.41 -10.78 -2.84
CA GLU A 225 6.15 -9.34 -2.85
C GLU A 225 4.71 -9.04 -2.43
N VAL A 226 3.78 -9.84 -2.93
CA VAL A 226 2.39 -9.75 -2.52
C VAL A 226 2.29 -10.11 -1.04
N GLY A 227 3.03 -11.14 -0.65
CA GLY A 227 2.96 -11.65 0.73
C GLY A 227 3.43 -10.65 1.75
N ASN A 228 4.53 -9.98 1.45
CA ASN A 228 5.07 -8.95 2.33
C ASN A 228 4.15 -7.73 2.45
N THR A 229 3.48 -7.38 1.35
CA THR A 229 2.49 -6.31 1.38
C THR A 229 1.30 -6.71 2.26
N ALA A 230 0.83 -7.94 2.13
CA ALA A 230 -0.21 -8.44 2.99
C ALA A 230 0.20 -8.41 4.48
N ALA A 231 1.42 -8.90 4.76
CA ALA A 231 1.94 -8.90 6.14
C ALA A 231 1.89 -7.48 6.74
N PHE A 232 2.37 -6.52 5.96
CA PHE A 232 2.30 -5.11 6.36
C PHE A 232 0.86 -4.67 6.63
N LEU A 233 -0.06 -5.01 5.73
CA LEU A 233 -1.46 -4.60 5.86
C LEU A 233 -2.18 -5.32 7.01
N LEU A 234 -1.62 -6.44 7.44
CA LEU A 234 -2.17 -7.17 8.57
C LEU A 234 -1.60 -6.67 9.91
N SER A 235 -0.53 -5.87 9.85
CA SER A 235 0.18 -5.44 11.05
C SER A 235 -0.26 -4.06 11.54
N ASP A 236 0.17 -3.72 12.75
CA ASP A 236 -0.11 -2.39 13.33
C ASP A 236 0.60 -1.27 12.62
N LEU A 237 1.61 -1.61 11.83
CA LEU A 237 2.33 -0.61 11.04
C LEU A 237 1.40 0.09 10.06
N SER A 238 0.36 -0.60 9.61
CA SER A 238 -0.60 -0.04 8.66
C SER A 238 -1.88 0.44 9.35
N SER A 239 -1.83 0.73 10.65
CA SER A 239 -3.03 1.06 11.43
C SER A 239 -3.76 2.32 10.95
N GLY A 240 -3.09 3.16 10.17
CA GLY A 240 -3.73 4.30 9.54
C GLY A 240 -4.39 4.03 8.19
N ILE A 241 -4.38 2.78 7.75
CA ILE A 241 -4.86 2.42 6.41
C ILE A 241 -6.04 1.46 6.47
N THR A 242 -7.17 1.87 5.92
CA THR A 242 -8.31 0.97 5.80
C THR A 242 -9.14 1.32 4.57
N GLY A 243 -9.78 0.31 3.98
CA GLY A 243 -10.59 0.45 2.78
C GLY A 243 -9.79 0.73 1.52
N GLU A 244 -8.50 0.41 1.54
CA GLU A 244 -7.55 0.76 0.49
C GLU A 244 -7.35 -0.46 -0.40
N ILE A 245 -7.20 -0.21 -1.72
CA ILE A 245 -6.70 -1.23 -2.63
C ILE A 245 -5.29 -0.82 -3.02
N THR A 246 -4.31 -1.63 -2.60
CA THR A 246 -2.91 -1.38 -2.93
C THR A 246 -2.48 -2.24 -4.10
N TYR A 247 -1.90 -1.61 -5.11
CA TYR A 247 -1.46 -2.30 -6.32
C TYR A 247 -0.04 -2.85 -6.16
N VAL A 248 0.08 -4.17 -6.20
CA VAL A 248 1.37 -4.83 -6.22
C VAL A 248 1.52 -5.48 -7.59
N ASP A 249 1.78 -4.64 -8.59
CA ASP A 249 1.84 -5.07 -9.99
C ASP A 249 3.01 -4.47 -10.73
N GLY A 250 4.01 -4.04 -9.97
CA GLY A 250 5.17 -3.40 -10.56
C GLY A 250 4.84 -2.12 -11.29
N GLY A 251 3.75 -1.45 -10.90
CA GLY A 251 3.32 -0.21 -11.53
C GLY A 251 2.57 -0.35 -12.84
N TYR A 252 2.16 -1.57 -13.19
CA TYR A 252 1.49 -1.81 -14.47
C TYR A 252 0.26 -0.91 -14.69
N SER A 253 -0.63 -0.86 -13.70
CA SER A 253 -1.90 -0.12 -13.85
C SER A 253 -1.74 1.38 -14.09
N ILE A 254 -0.61 1.95 -13.70
CA ILE A 254 -0.42 3.39 -13.84
C ILE A 254 0.36 3.78 -15.09
N ASN A 255 0.71 2.79 -15.89
CA ASN A 255 1.45 2.98 -17.14
C ASN A 255 0.51 2.87 -18.33
N ALA A 256 0.74 3.65 -19.38
CA ALA A 256 0.00 3.48 -20.61
C ALA A 256 0.88 3.73 -21.81
N LEU A 257 0.50 3.14 -22.94
CA LEU A 257 1.16 3.36 -24.23
C LEU A 257 2.65 3.07 -24.16
N SER A 258 3.03 2.10 -23.31
CA SER A 258 4.44 1.79 -23.08
C SER A 258 4.95 0.87 -24.19
N GLY B 2 14.83 -5.16 12.38
CA GLY B 2 14.20 -4.04 11.62
C GLY B 2 14.31 -4.27 10.13
N PHE B 3 13.23 -4.01 9.39
CA PHE B 3 13.21 -4.30 7.96
C PHE B 3 13.89 -3.23 7.07
N LEU B 4 14.54 -2.25 7.68
CA LEU B 4 15.34 -1.27 6.93
C LEU B 4 16.82 -1.37 7.28
N GLN B 5 17.24 -2.47 7.91
CA GLN B 5 18.66 -2.67 8.21
C GLN B 5 19.51 -2.58 6.93
N GLY B 6 20.57 -1.80 7.00
CA GLY B 6 21.43 -1.54 5.85
C GLY B 6 20.99 -0.42 4.93
N LYS B 7 19.76 0.07 5.09
CA LYS B 7 19.25 1.12 4.21
C LYS B 7 19.73 2.51 4.64
N LYS B 8 20.27 3.24 3.67
CA LYS B 8 20.69 4.62 3.86
C LYS B 8 19.64 5.52 3.21
N ILE B 9 19.05 6.40 4.02
CA ILE B 9 17.87 7.15 3.63
C ILE B 9 18.03 8.65 3.87
N LEU B 10 17.83 9.44 2.80
CA LEU B 10 17.88 10.90 2.88
C LEU B 10 16.47 11.43 3.07
N ILE B 11 16.29 12.21 4.13
CA ILE B 11 14.98 12.75 4.49
C ILE B 11 14.95 14.28 4.44
N THR B 12 14.06 14.80 3.60
CA THR B 12 13.84 16.23 3.47
C THR B 12 12.68 16.64 4.38
N GLY B 13 12.63 17.91 4.74
CA GLY B 13 11.42 18.50 5.33
C GLY B 13 11.20 18.34 6.83
N MET B 14 12.19 17.85 7.55
CA MET B 14 12.08 17.69 9.00
C MET B 14 12.51 18.98 9.71
N ILE B 15 11.54 19.78 10.14
CA ILE B 15 11.83 21.05 10.85
C ILE B 15 11.38 21.08 12.30
N SER B 16 10.56 20.12 12.72
CA SER B 16 10.23 19.96 14.13
C SER B 16 9.78 18.52 14.39
N GLU B 17 9.61 18.18 15.66
CA GLU B 17 9.14 16.86 16.04
C GLU B 17 7.64 16.67 15.80
N ARG B 18 6.95 17.71 15.34
CA ARG B 18 5.60 17.55 14.78
C ARG B 18 5.61 17.22 13.29
N SER B 19 6.72 17.48 12.60
CA SER B 19 6.83 17.23 11.16
C SER B 19 6.50 15.79 10.78
N ILE B 20 5.78 15.62 9.67
CA ILE B 20 5.58 14.31 9.09
C ILE B 20 6.94 13.64 8.84
N ALA B 21 7.90 14.42 8.35
CA ALA B 21 9.26 13.93 8.10
C ALA B 21 9.95 13.39 9.36
N TYR B 22 9.64 13.98 10.51
CA TYR B 22 10.14 13.45 11.79
C TYR B 22 9.52 12.08 12.11
N GLY B 23 8.20 11.97 11.95
CA GLY B 23 7.53 10.67 12.08
C GLY B 23 8.15 9.61 11.19
N ILE B 24 8.49 10.00 9.95
CA ILE B 24 9.10 9.10 8.99
C ILE B 24 10.50 8.73 9.45
N ALA B 25 11.27 9.74 9.85
CA ALA B 25 12.63 9.53 10.30
C ALA B 25 12.67 8.58 11.49
N LYS B 26 11.79 8.81 12.46
CA LYS B 26 11.71 7.98 13.64
C LYS B 26 11.35 6.53 13.29
N ALA B 27 10.30 6.36 12.49
CA ALA B 27 9.86 5.05 12.01
C ALA B 27 10.99 4.29 11.30
N CYS B 28 11.70 4.98 10.43
CA CYS B 28 12.81 4.38 9.68
C CYS B 28 13.95 3.97 10.60
N ARG B 29 14.28 4.84 11.55
CA ARG B 29 15.36 4.56 12.48
C ARG B 29 15.05 3.35 13.36
N GLU B 30 13.79 3.25 13.81
CA GLU B 30 13.32 2.08 14.56
C GLU B 30 13.46 0.77 13.79
N GLN B 31 13.46 0.84 12.45
CA GLN B 31 13.64 -0.36 11.61
C GLN B 31 15.09 -0.55 11.14
N GLY B 32 16.02 0.24 11.66
CA GLY B 32 17.44 0.03 11.44
C GLY B 32 18.09 0.88 10.36
N ALA B 33 17.33 1.79 9.75
CA ALA B 33 17.89 2.65 8.70
C ALA B 33 18.93 3.61 9.25
N GLU B 34 19.89 3.98 8.40
CA GLU B 34 20.81 5.09 8.69
C GLU B 34 20.33 6.30 7.92
N LEU B 35 20.28 7.44 8.60
CA LEU B 35 19.60 8.62 8.07
C LEU B 35 20.51 9.79 7.75
N ALA B 36 20.05 10.62 6.82
CA ALA B 36 20.63 11.92 6.57
C ALA B 36 19.48 12.88 6.31
N PHE B 37 19.74 14.16 6.46
CA PHE B 37 18.69 15.18 6.44
C PHE B 37 19.10 16.43 5.67
N THR B 38 18.11 17.10 5.11
CA THR B 38 18.29 18.43 4.54
C THR B 38 17.52 19.44 5.36
N TYR B 39 17.91 20.70 5.22
CA TYR B 39 17.20 21.82 5.82
C TYR B 39 17.22 22.99 4.85
N VAL B 40 16.12 23.73 4.80
CA VAL B 40 15.92 24.74 3.76
C VAL B 40 16.79 25.99 3.93
N VAL B 41 16.91 26.49 5.16
CA VAL B 41 17.66 27.73 5.42
C VAL B 41 18.60 27.62 6.64
N ASP B 42 19.68 28.40 6.61
CA ASP B 42 20.71 28.32 7.66
C ASP B 42 20.18 28.58 9.07
N LYS B 43 19.09 29.33 9.18
CA LYS B 43 18.42 29.58 10.46
C LYS B 43 18.03 28.28 11.21
N LEU B 44 17.73 27.24 10.45
CA LEU B 44 17.19 25.99 11.02
C LEU B 44 18.26 24.94 11.31
N GLU B 45 19.50 25.20 10.91
CA GLU B 45 20.58 24.21 10.98
C GLU B 45 20.73 23.57 12.36
N GLU B 46 20.81 24.40 13.41
CA GLU B 46 21.05 23.87 14.76
C GLU B 46 19.90 22.97 15.21
N ARG B 47 18.68 23.41 14.95
CA ARG B 47 17.49 22.65 15.29
C ARG B 47 17.51 21.27 14.61
N VAL B 48 17.83 21.25 13.32
CA VAL B 48 17.79 20.01 12.55
C VAL B 48 18.94 19.07 12.95
N ARG B 49 20.10 19.64 13.22
CA ARG B 49 21.24 18.85 13.70
C ARG B 49 20.91 18.18 15.03
N LYS B 50 20.23 18.91 15.91
CA LYS B 50 19.81 18.38 17.20
C LYS B 50 18.89 17.19 17.00
N MET B 51 17.86 17.38 16.18
CA MET B 51 16.93 16.30 15.88
C MET B 51 17.65 15.11 15.23
N ALA B 52 18.53 15.41 14.28
CA ALA B 52 19.30 14.38 13.59
C ALA B 52 20.16 13.56 14.57
N ALA B 53 20.87 14.25 15.45
CA ALA B 53 21.69 13.61 16.49
C ALA B 53 20.89 12.62 17.34
N GLU B 54 19.67 13.00 17.71
CA GLU B 54 18.75 12.12 18.44
C GLU B 54 18.37 10.87 17.63
N LEU B 55 18.39 10.99 16.31
CA LEU B 55 18.17 9.85 15.43
C LEU B 55 19.49 9.23 14.95
N ASP B 56 20.55 9.45 15.75
CA ASP B 56 21.87 8.87 15.52
C ASP B 56 22.54 9.31 14.22
N SER B 57 22.26 10.52 13.77
CA SER B 57 22.82 11.01 12.51
C SER B 57 23.54 12.33 12.69
N GLU B 58 24.63 12.49 11.95
CA GLU B 58 25.34 13.76 11.86
C GLU B 58 25.50 14.17 10.41
N LEU B 59 24.65 13.62 9.54
CA LEU B 59 24.68 13.97 8.12
C LEU B 59 23.52 14.92 7.81
N VAL B 60 23.82 16.20 7.78
CA VAL B 60 22.83 17.26 7.63
C VAL B 60 23.32 18.25 6.59
N PHE B 61 22.47 18.59 5.62
CA PHE B 61 22.86 19.43 4.49
C PHE B 61 21.82 20.51 4.16
N ARG B 62 22.28 21.70 3.79
CA ARG B 62 21.37 22.76 3.42
C ARG B 62 20.87 22.48 2.01
N CYS B 63 19.57 22.65 1.81
CA CYS B 63 18.99 22.47 0.48
C CYS B 63 17.69 23.25 0.33
N ASP B 64 17.77 24.33 -0.43
CA ASP B 64 16.58 25.01 -0.91
C ASP B 64 16.30 24.44 -2.30
N VAL B 65 15.17 23.75 -2.44
CA VAL B 65 14.83 23.08 -3.71
C VAL B 65 14.53 24.04 -4.86
N ALA B 66 14.50 25.34 -4.56
CA ALA B 66 14.45 26.38 -5.57
C ALA B 66 15.74 26.44 -6.38
N SER B 67 16.82 25.87 -5.84
CA SER B 67 18.15 25.98 -6.42
C SER B 67 18.68 24.63 -6.94
N ASP B 68 18.92 24.53 -8.26
CA ASP B 68 19.52 23.33 -8.83
C ASP B 68 20.90 23.05 -8.25
N ASP B 69 21.69 24.11 -8.08
CA ASP B 69 23.03 23.97 -7.50
C ASP B 69 22.99 23.32 -6.14
N GLU B 70 22.11 23.81 -5.27
CA GLU B 70 22.01 23.27 -3.92
C GLU B 70 21.53 21.82 -3.91
N ILE B 71 20.56 21.51 -4.75
CA ILE B 71 20.05 20.15 -4.88
C ILE B 71 21.20 19.20 -5.26
N ASN B 72 21.91 19.55 -6.33
CA ASN B 72 23.04 18.73 -6.80
C ASN B 72 24.17 18.66 -5.75
N GLN B 73 24.38 19.75 -5.01
CA GLN B 73 25.45 19.80 -4.02
C GLN B 73 25.18 18.84 -2.86
N VAL B 74 23.91 18.65 -2.52
CA VAL B 74 23.55 17.71 -1.45
C VAL B 74 24.10 16.32 -1.75
N PHE B 75 23.93 15.86 -2.98
CA PHE B 75 24.35 14.51 -3.36
C PHE B 75 25.86 14.39 -3.55
N ALA B 76 26.50 15.45 -4.05
CA ALA B 76 27.95 15.53 -4.08
C ALA B 76 28.54 15.37 -2.68
N ASP B 77 27.97 16.09 -1.71
CA ASP B 77 28.42 16.00 -0.32
C ASP B 77 28.06 14.66 0.31
N LEU B 78 26.84 14.18 0.07
CA LEU B 78 26.40 12.93 0.68
C LEU B 78 27.23 11.75 0.16
N GLY B 79 27.58 11.81 -1.11
CA GLY B 79 28.43 10.81 -1.77
C GLY B 79 29.82 10.62 -1.18
N LYS B 80 30.30 11.60 -0.44
CA LYS B 80 31.57 11.45 0.29
C LYS B 80 31.43 10.55 1.53
N HIS B 81 30.21 10.33 1.98
CA HIS B 81 29.97 9.50 3.16
C HIS B 81 29.32 8.17 2.82
N TRP B 82 28.46 8.19 1.80
CA TRP B 82 27.68 7.02 1.45
C TRP B 82 28.03 6.55 0.03
N ASP B 83 28.17 5.23 -0.13
CA ASP B 83 28.43 4.57 -1.42
C ASP B 83 27.27 4.73 -2.41
N GLY B 84 26.07 4.84 -1.85
CA GLY B 84 24.84 4.90 -2.62
C GLY B 84 23.73 5.37 -1.71
N LEU B 85 22.55 5.55 -2.30
CA LEU B 85 21.41 6.02 -1.55
C LEU B 85 20.25 5.06 -1.77
N ASP B 86 19.72 4.53 -0.67
CA ASP B 86 18.69 3.50 -0.76
C ASP B 86 17.29 4.07 -0.64
N GLY B 87 17.18 5.22 0.00
CA GLY B 87 15.90 5.84 0.23
C GLY B 87 15.93 7.34 0.12
N LEU B 88 14.89 7.90 -0.48
CA LEU B 88 14.74 9.34 -0.62
C LEU B 88 13.33 9.71 -0.22
N VAL B 89 13.22 10.58 0.79
CA VAL B 89 11.94 11.03 1.31
C VAL B 89 11.74 12.50 0.95
N HIS B 90 10.71 12.73 0.14
CA HIS B 90 10.25 14.06 -0.23
C HIS B 90 9.10 14.39 0.71
N SER B 91 9.30 15.37 1.58
CA SER B 91 8.27 15.80 2.53
C SER B 91 8.32 17.31 2.60
N ILE B 92 8.12 17.91 1.43
CA ILE B 92 8.34 19.33 1.19
C ILE B 92 7.14 19.88 0.43
N GLY B 93 6.55 20.95 0.96
CA GLY B 93 5.52 21.67 0.26
C GLY B 93 5.49 23.11 0.71
N PHE B 94 5.15 24.00 -0.21
CA PHE B 94 5.01 25.41 0.11
C PHE B 94 4.15 26.13 -0.92
N ALA B 95 3.32 27.03 -0.40
CA ALA B 95 2.63 28.01 -1.20
C ALA B 95 2.45 29.25 -0.33
N PRO B 96 2.46 30.44 -0.94
CA PRO B 96 2.22 31.63 -0.12
C PRO B 96 0.91 31.51 0.66
N LYS B 97 0.95 31.88 1.95
CA LYS B 97 -0.19 31.78 2.85
C LYS B 97 -1.47 32.41 2.30
N GLU B 98 -1.35 33.57 1.65
CA GLU B 98 -2.50 34.29 1.08
C GLU B 98 -3.22 33.50 -0.04
N ALA B 99 -2.52 32.58 -0.69
CA ALA B 99 -3.13 31.71 -1.69
C ALA B 99 -3.89 30.53 -1.07
N LEU B 100 -3.70 30.32 0.25
CA LEU B 100 -4.28 29.18 0.96
C LEU B 100 -5.44 29.56 1.86
N SER B 101 -6.18 30.58 1.45
CA SER B 101 -7.26 31.09 2.27
C SER B 101 -8.37 31.64 1.38
N GLY B 102 -9.62 31.26 1.68
CA GLY B 102 -10.78 31.84 1.05
C GLY B 102 -11.00 31.35 -0.38
N ASP B 103 -11.71 32.18 -1.15
CA ASP B 103 -12.13 31.86 -2.50
C ASP B 103 -10.94 31.46 -3.37
N PHE B 104 -11.06 30.32 -4.03
CA PHE B 104 -9.96 29.75 -4.84
C PHE B 104 -9.42 30.73 -5.88
N LEU B 105 -10.31 31.30 -6.69
CA LEU B 105 -9.89 32.21 -7.77
C LEU B 105 -9.39 33.57 -7.25
N ASP B 106 -10.04 34.11 -6.24
CA ASP B 106 -9.57 35.36 -5.64
C ASP B 106 -8.19 35.19 -5.02
N SER B 107 -7.96 34.04 -4.40
CA SER B 107 -6.72 33.83 -3.68
C SER B 107 -5.56 33.49 -4.60
N ILE B 108 -5.85 33.03 -5.81
CA ILE B 108 -4.80 32.56 -6.70
C ILE B 108 -4.13 33.73 -7.44
N SER B 109 -2.86 33.54 -7.78
CA SER B 109 -2.13 34.43 -8.67
C SER B 109 -1.10 33.60 -9.44
N ARG B 110 -0.64 34.14 -10.56
CA ARG B 110 0.40 33.50 -11.37
C ARG B 110 1.64 33.16 -10.54
N GLU B 111 2.11 34.11 -9.75
CA GLU B 111 3.34 33.95 -8.96
C GLU B 111 3.17 32.89 -7.85
N ALA B 112 2.02 32.89 -7.18
CA ALA B 112 1.71 31.89 -6.16
C ALA B 112 1.61 30.49 -6.78
N PHE B 113 0.95 30.40 -7.92
CA PHE B 113 0.88 29.15 -8.69
C PHE B 113 2.29 28.63 -9.02
N ASN B 114 3.12 29.51 -9.58
CA ASN B 114 4.48 29.15 -9.98
C ASN B 114 5.31 28.66 -8.79
N THR B 115 5.28 29.41 -7.71
CA THR B 115 6.00 29.03 -6.50
C THR B 115 5.50 27.71 -5.93
N ALA B 116 4.19 27.57 -5.79
CA ALA B 116 3.61 26.34 -5.26
C ALA B 116 4.06 25.12 -6.05
N HIS B 117 3.98 25.21 -7.38
CA HIS B 117 4.30 24.09 -8.23
C HIS B 117 5.79 23.79 -8.25
N GLU B 118 6.60 24.84 -8.34
CA GLU B 118 8.03 24.69 -8.39
C GLU B 118 8.55 24.02 -7.12
N ILE B 119 8.13 24.51 -5.95
CA ILE B 119 8.63 23.98 -4.68
C ILE B 119 7.98 22.66 -4.30
N SER B 120 6.68 22.50 -4.56
CA SER B 120 5.92 21.34 -4.08
C SER B 120 5.84 20.19 -5.07
N ALA B 121 6.00 20.47 -6.36
CA ALA B 121 5.85 19.44 -7.38
C ALA B 121 7.15 19.20 -8.16
N TYR B 122 7.73 20.25 -8.76
CA TYR B 122 8.96 20.06 -9.55
C TYR B 122 10.10 19.51 -8.69
N SER B 123 10.09 19.82 -7.40
CA SER B 123 11.08 19.32 -6.48
C SER B 123 11.19 17.78 -6.44
N LEU B 124 10.11 17.06 -6.76
CA LEU B 124 10.19 15.60 -6.76
C LEU B 124 11.10 15.12 -7.91
N PRO B 125 10.74 15.39 -9.17
CA PRO B 125 11.68 15.01 -10.23
C PRO B 125 13.07 15.62 -10.11
N ALA B 126 13.16 16.87 -9.63
CA ALA B 126 14.46 17.51 -9.48
C ALA B 126 15.36 16.71 -8.53
N LEU B 127 14.82 16.30 -7.40
CA LEU B 127 15.55 15.49 -6.42
C LEU B 127 15.80 14.07 -6.95
N ALA B 128 14.82 13.48 -7.62
CA ALA B 128 15.01 12.15 -8.18
C ALA B 128 16.14 12.19 -9.21
N LYS B 129 16.14 13.21 -10.05
CA LYS B 129 17.15 13.38 -11.10
C LYS B 129 18.56 13.50 -10.54
N ALA B 130 18.72 14.34 -9.52
CA ALA B 130 20.00 14.56 -8.88
C ALA B 130 20.46 13.36 -8.04
N ALA B 131 19.51 12.59 -7.51
CA ALA B 131 19.83 11.39 -6.71
C ALA B 131 20.11 10.17 -7.57
N ARG B 132 19.76 10.24 -8.85
CA ARG B 132 19.72 9.08 -9.73
C ARG B 132 21.05 8.29 -9.77
N PRO B 133 22.20 8.98 -9.89
CA PRO B 133 23.47 8.24 -9.88
C PRO B 133 23.71 7.43 -8.61
N MET B 134 23.31 7.98 -7.48
CA MET B 134 23.47 7.29 -6.20
C MET B 134 22.43 6.21 -5.94
N MET B 135 21.29 6.30 -6.60
CA MET B 135 20.17 5.40 -6.30
C MET B 135 20.06 4.24 -7.29
N ARG B 136 20.49 4.45 -8.53
CA ARG B 136 20.30 3.43 -9.56
C ARG B 136 21.05 2.12 -9.29
N GLY B 137 20.38 1.01 -9.58
CA GLY B 137 20.94 -0.31 -9.41
C GLY B 137 20.99 -0.78 -7.97
N ARG B 138 20.44 -0.01 -7.05
CA ARG B 138 20.52 -0.37 -5.63
C ARG B 138 19.23 -1.01 -5.10
N ASN B 139 18.22 -1.17 -5.95
CA ASN B 139 16.89 -1.53 -5.47
C ASN B 139 16.45 -0.54 -4.39
N SER B 140 16.48 0.74 -4.77
CA SER B 140 16.21 1.83 -3.87
C SER B 140 14.78 2.34 -4.05
N ALA B 141 14.40 3.37 -3.30
CA ALA B 141 13.00 3.82 -3.29
C ALA B 141 12.86 5.28 -2.90
N ILE B 142 11.87 5.92 -3.52
CA ILE B 142 11.51 7.29 -3.26
C ILE B 142 10.09 7.30 -2.73
N VAL B 143 9.85 8.12 -1.71
CA VAL B 143 8.53 8.33 -1.14
C VAL B 143 8.27 9.84 -1.03
N ALA B 144 7.10 10.26 -1.52
CA ALA B 144 6.69 11.65 -1.44
C ALA B 144 5.32 11.79 -0.78
N LEU B 145 5.12 12.89 -0.07
CA LEU B 145 3.87 13.14 0.65
C LEU B 145 2.93 14.01 -0.17
N SER B 146 1.71 13.54 -0.32
CA SER B 146 0.67 14.26 -1.03
C SER B 146 -0.52 14.39 -0.09
N TYR B 147 -1.59 14.96 -0.62
CA TYR B 147 -2.79 15.25 0.13
C TYR B 147 -4.00 15.21 -0.80
N LEU B 148 -5.15 14.87 -0.20
CA LEU B 148 -6.43 14.70 -0.89
C LEU B 148 -6.80 15.81 -1.88
N GLY B 149 -6.26 17.02 -1.69
CA GLY B 149 -6.47 18.11 -2.62
C GLY B 149 -6.04 17.84 -4.05
N ALA B 150 -5.15 16.87 -4.25
CA ALA B 150 -4.78 16.40 -5.59
C ALA B 150 -6.00 15.94 -6.40
N VAL B 151 -6.91 15.23 -5.72
CA VAL B 151 -8.03 14.53 -6.40
C VAL B 151 -9.42 15.00 -5.97
N ARG B 152 -9.52 15.85 -4.95
CA ARG B 152 -10.81 16.45 -4.58
C ARG B 152 -10.65 17.94 -4.40
N ALA B 153 -11.70 18.70 -4.72
CA ALA B 153 -11.78 20.10 -4.30
C ALA B 153 -12.03 20.14 -2.80
N ILE B 154 -11.24 20.94 -2.10
CA ILE B 154 -11.28 21.07 -0.65
C ILE B 154 -11.21 22.55 -0.32
N PRO B 155 -11.96 23.01 0.70
CA PRO B 155 -11.87 24.43 1.05
C PRO B 155 -10.47 24.84 1.51
N ASN B 156 -10.02 26.02 1.06
CA ASN B 156 -8.79 26.67 1.54
C ASN B 156 -7.46 26.16 0.95
N TYR B 157 -7.44 24.89 0.54
CA TYR B 157 -6.20 24.26 0.08
C TYR B 157 -5.82 24.85 -1.27
N ASN B 158 -6.85 25.12 -2.07
CA ASN B 158 -6.75 25.98 -3.24
C ASN B 158 -5.62 25.56 -4.19
N VAL B 159 -4.69 26.47 -4.50
CA VAL B 159 -3.68 26.19 -5.51
C VAL B 159 -2.78 25.00 -5.14
N MET B 160 -2.70 24.69 -3.85
CA MET B 160 -1.89 23.56 -3.39
C MET B 160 -2.45 22.24 -3.93
N GLY B 161 -3.77 22.19 -4.14
CA GLY B 161 -4.41 21.03 -4.75
C GLY B 161 -3.89 20.75 -6.14
N MET B 162 -3.70 21.81 -6.94
CA MET B 162 -3.12 21.69 -8.29
C MET B 162 -1.68 21.20 -8.20
N ALA B 163 -0.93 21.75 -7.27
CA ALA B 163 0.45 21.36 -7.07
C ALA B 163 0.58 19.90 -6.64
N LYS B 164 -0.28 19.44 -5.75
CA LYS B 164 -0.27 18.03 -5.32
C LYS B 164 -0.66 17.10 -6.46
N ALA B 165 -1.59 17.53 -7.32
CA ALA B 165 -1.96 16.74 -8.50
C ALA B 165 -0.75 16.59 -9.42
N SER B 166 -0.02 17.67 -9.64
CA SER B 166 1.21 17.66 -10.44
C SER B 166 2.24 16.72 -9.83
N LEU B 167 2.39 16.80 -8.51
CA LEU B 167 3.23 15.89 -7.76
C LEU B 167 2.87 14.42 -7.98
N GLU B 168 1.61 14.06 -7.80
CA GLU B 168 1.19 12.67 -7.94
C GLU B 168 1.46 12.14 -9.35
N ALA B 169 1.22 12.99 -10.36
CA ALA B 169 1.58 12.62 -11.72
C ALA B 169 3.09 12.47 -11.85
N GLY B 170 3.84 13.36 -11.19
CA GLY B 170 5.29 13.26 -11.11
C GLY B 170 5.76 11.92 -10.57
N ILE B 171 5.05 11.43 -9.56
CA ILE B 171 5.35 10.15 -8.94
C ILE B 171 5.20 9.02 -9.96
N ARG B 172 4.09 9.04 -10.71
CA ARG B 172 3.86 8.04 -11.75
C ARG B 172 4.94 8.08 -12.85
N PHE B 173 5.25 9.28 -13.34
CA PHE B 173 6.24 9.43 -14.42
C PHE B 173 7.66 9.08 -13.96
N THR B 174 8.01 9.46 -12.74
CA THR B 174 9.28 9.06 -12.14
C THR B 174 9.38 7.54 -11.98
N ALA B 175 8.31 6.92 -11.49
CA ALA B 175 8.26 5.45 -11.35
C ALA B 175 8.45 4.75 -12.70
N ALA B 176 7.72 5.19 -13.73
CA ALA B 176 7.85 4.64 -15.07
C ALA B 176 9.25 4.84 -15.65
N CYS B 177 9.85 5.99 -15.33
CA CYS B 177 11.18 6.34 -15.79
C CYS B 177 12.29 5.47 -15.18
N LEU B 178 12.24 5.25 -13.88
CA LEU B 178 13.36 4.66 -13.13
C LEU B 178 13.22 3.20 -12.75
N GLY B 179 12.06 2.60 -13.02
CA GLY B 179 11.81 1.23 -12.62
C GLY B 179 12.82 0.23 -13.16
N LYS B 180 13.17 0.39 -14.44
CA LYS B 180 14.10 -0.52 -15.10
C LYS B 180 15.49 -0.51 -14.44
N GLU B 181 15.92 0.64 -13.92
CA GLU B 181 17.20 0.70 -13.24
C GLU B 181 17.10 0.51 -11.73
N GLY B 182 15.99 -0.06 -11.25
CA GLY B 182 15.89 -0.49 -9.85
C GLY B 182 15.69 0.63 -8.85
N ILE B 183 14.90 1.65 -9.23
CA ILE B 183 14.46 2.67 -8.28
C ILE B 183 12.95 2.74 -8.36
N ARG B 184 12.30 2.62 -7.20
CA ARG B 184 10.85 2.76 -7.09
C ARG B 184 10.48 4.16 -6.63
N CYS B 185 9.26 4.59 -6.96
CA CYS B 185 8.75 5.90 -6.56
C CYS B 185 7.26 5.80 -6.26
N ASN B 186 6.92 6.08 -4.99
CA ASN B 186 5.56 5.99 -4.48
C ASN B 186 5.17 7.21 -3.65
N GLY B 187 3.87 7.41 -3.49
CA GLY B 187 3.35 8.52 -2.72
C GLY B 187 2.53 8.04 -1.53
N ILE B 188 2.46 8.88 -0.50
CA ILE B 188 1.51 8.71 0.59
C ILE B 188 0.62 9.94 0.62
N SER B 189 -0.69 9.74 0.50
CA SER B 189 -1.66 10.82 0.70
C SER B 189 -2.13 10.73 2.15
N ALA B 190 -1.58 11.59 3.00
CA ALA B 190 -1.85 11.53 4.43
C ALA B 190 -3.10 12.30 4.78
N GLY B 191 -3.82 11.84 5.81
CA GLY B 191 -4.92 12.61 6.38
C GLY B 191 -4.36 13.85 7.05
N PRO B 192 -5.24 14.80 7.42
CA PRO B 192 -4.75 15.99 8.10
C PRO B 192 -4.08 15.66 9.44
N ILE B 193 -2.99 16.37 9.75
CA ILE B 193 -2.25 16.19 11.00
C ILE B 193 -1.80 17.56 11.49
N GLY B 205 -8.22 23.24 12.01
CA GLY B 205 -8.42 22.66 13.34
C GLY B 205 -9.79 22.04 13.59
N LYS B 206 -10.80 22.54 12.88
CA LYS B 206 -12.15 21.95 12.87
C LYS B 206 -12.21 20.87 11.78
N LEU B 207 -11.38 21.06 10.74
CA LEU B 207 -11.11 20.05 9.72
C LEU B 207 -10.67 18.69 10.30
N LEU B 208 -9.86 18.74 11.35
CA LEU B 208 -9.44 17.55 12.07
C LEU B 208 -10.65 16.87 12.69
N GLY B 209 -11.52 17.67 13.30
CA GLY B 209 -12.77 17.15 13.87
C GLY B 209 -13.68 16.54 12.82
N HIS B 210 -13.70 17.14 11.64
CA HIS B 210 -14.54 16.63 10.56
C HIS B 210 -14.05 15.25 10.11
N VAL B 211 -12.77 15.14 9.81
CA VAL B 211 -12.20 13.87 9.38
C VAL B 211 -12.40 12.77 10.45
N ALA B 212 -12.07 13.09 11.70
CA ALA B 212 -12.24 12.13 12.81
C ALA B 212 -13.69 11.71 13.00
N ALA B 213 -14.64 12.59 12.70
CA ALA B 213 -16.06 12.25 12.81
C ALA B 213 -16.57 11.48 11.59
N HIS B 214 -15.86 11.57 10.46
CA HIS B 214 -16.39 11.04 9.21
C HIS B 214 -15.64 9.83 8.63
N ASN B 215 -14.43 9.53 9.11
CA ASN B 215 -13.69 8.42 8.50
C ASN B 215 -13.98 7.07 9.17
N PRO B 216 -13.80 5.96 8.43
CA PRO B 216 -14.07 4.64 8.99
C PRO B 216 -13.48 4.40 10.38
N LEU B 217 -12.27 4.87 10.63
CA LEU B 217 -11.62 4.68 11.94
C LEU B 217 -12.13 5.61 13.03
N ARG B 218 -12.89 6.65 12.67
CA ARG B 218 -13.42 7.61 13.62
C ARG B 218 -12.32 8.29 14.43
N ARG B 219 -11.18 8.55 13.80
CA ARG B 219 -10.10 9.29 14.39
C ARG B 219 -9.13 9.76 13.32
N ASN B 220 -8.30 10.73 13.68
CA ASN B 220 -7.24 11.20 12.81
C ASN B 220 -6.02 10.28 12.88
N VAL B 221 -5.22 10.31 11.82
CA VAL B 221 -4.02 9.48 11.77
C VAL B 221 -2.88 10.23 12.46
N THR B 222 -1.81 9.51 12.75
CA THR B 222 -0.64 10.08 13.41
C THR B 222 0.57 10.08 12.49
N ILE B 223 1.58 10.89 12.82
CA ILE B 223 2.85 10.90 12.07
C ILE B 223 3.55 9.54 12.14
N GLU B 224 3.25 8.78 13.19
CA GLU B 224 3.77 7.42 13.34
C GLU B 224 3.16 6.51 12.29
N GLU B 225 1.86 6.64 12.08
CA GLU B 225 1.16 5.81 11.10
C GLU B 225 1.62 6.13 9.68
N VAL B 226 1.79 7.42 9.38
CA VAL B 226 2.37 7.86 8.12
C VAL B 226 3.81 7.38 8.03
N GLY B 227 4.54 7.52 9.13
CA GLY B 227 5.95 7.17 9.16
C GLY B 227 6.21 5.70 8.90
N ASN B 228 5.40 4.83 9.51
CA ASN B 228 5.50 3.39 9.31
C ASN B 228 5.16 2.96 7.88
N THR B 229 4.20 3.64 7.27
CA THR B 229 3.85 3.38 5.87
C THR B 229 5.01 3.79 4.96
N ALA B 230 5.62 4.94 5.23
CA ALA B 230 6.81 5.36 4.49
C ALA B 230 7.94 4.35 4.64
N ALA B 231 8.20 3.93 5.89
CA ALA B 231 9.24 2.93 6.16
C ALA B 231 9.03 1.68 5.30
N PHE B 232 7.79 1.19 5.29
CA PHE B 232 7.42 0.04 4.44
C PHE B 232 7.71 0.31 2.96
N LEU B 233 7.31 1.49 2.48
CA LEU B 233 7.49 1.84 1.06
C LEU B 233 8.93 2.07 0.68
N LEU B 234 9.76 2.31 1.68
CA LEU B 234 11.19 2.50 1.45
C LEU B 234 11.95 1.17 1.57
N SER B 235 11.28 0.12 2.06
CA SER B 235 11.93 -1.16 2.30
C SER B 235 11.75 -2.11 1.14
N ASP B 236 12.49 -3.21 1.18
CA ASP B 236 12.37 -4.27 0.14
C ASP B 236 11.08 -5.05 0.26
N LEU B 237 10.39 -4.93 1.39
CA LEU B 237 9.07 -5.54 1.54
C LEU B 237 8.08 -5.02 0.51
N SER B 238 8.27 -3.79 0.05
CA SER B 238 7.39 -3.18 -0.95
C SER B 238 7.96 -3.22 -2.37
N SER B 239 8.90 -4.14 -2.62
CA SER B 239 9.61 -4.18 -3.90
C SER B 239 8.71 -4.41 -5.13
N GLY B 240 7.50 -4.89 -4.93
CA GLY B 240 6.53 -5.03 -6.01
C GLY B 240 5.64 -3.80 -6.26
N ILE B 241 5.89 -2.72 -5.53
CA ILE B 241 5.02 -1.53 -5.58
C ILE B 241 5.76 -0.33 -6.10
N THR B 242 5.27 0.24 -7.18
CA THR B 242 5.80 1.50 -7.69
C THR B 242 4.72 2.32 -8.38
N GLY B 243 4.88 3.64 -8.33
CA GLY B 243 3.94 4.58 -8.94
C GLY B 243 2.61 4.66 -8.23
N GLU B 244 2.58 4.22 -6.98
CA GLU B 244 1.35 4.09 -6.19
C GLU B 244 1.20 5.29 -5.26
N ILE B 245 -0.04 5.74 -5.07
CA ILE B 245 -0.39 6.68 -4.00
C ILE B 245 -1.18 5.92 -2.93
N THR B 246 -0.59 5.73 -1.76
CA THR B 246 -1.24 5.02 -0.66
C THR B 246 -1.86 6.03 0.30
N TYR B 247 -3.16 5.83 0.59
CA TYR B 247 -3.88 6.70 1.47
C TYR B 247 -3.75 6.28 2.93
N VAL B 248 -3.12 7.14 3.72
CA VAL B 248 -3.02 6.94 5.17
C VAL B 248 -3.88 8.02 5.83
N ASP B 249 -5.20 7.83 5.75
CA ASP B 249 -6.16 8.81 6.22
C ASP B 249 -7.31 8.14 6.97
N GLY B 250 -7.07 6.94 7.48
CA GLY B 250 -8.10 6.20 8.21
C GLY B 250 -9.31 5.88 7.36
N GLY B 251 -9.11 5.79 6.04
CA GLY B 251 -10.20 5.50 5.12
C GLY B 251 -11.11 6.66 4.77
N TYR B 252 -10.72 7.87 5.13
CA TYR B 252 -11.54 9.06 4.86
C TYR B 252 -11.96 9.18 3.39
N SER B 253 -10.98 9.12 2.48
CA SER B 253 -11.24 9.34 1.04
C SER B 253 -12.22 8.34 0.41
N ILE B 254 -12.38 7.17 1.01
CA ILE B 254 -13.24 6.14 0.43
C ILE B 254 -14.65 6.10 1.05
N ASN B 255 -14.89 7.03 1.99
CA ASN B 255 -16.19 7.17 2.65
C ASN B 255 -16.94 8.35 2.05
N ALA B 256 -18.26 8.27 1.98
CA ALA B 256 -19.04 9.42 1.59
C ALA B 256 -20.40 9.42 2.30
N LEU B 257 -21.02 10.60 2.37
CA LEU B 257 -22.34 10.78 2.95
C LEU B 257 -22.41 10.26 4.39
N SER B 258 -21.28 10.36 5.11
CA SER B 258 -21.14 9.77 6.44
C SER B 258 -21.67 10.70 7.54
PA NAD C . -4.73 -20.41 -6.36
O1A NAD C . -5.38 -21.43 -7.28
O2A NAD C . -3.43 -20.72 -5.67
O5B NAD C . -5.77 -19.98 -5.22
C5B NAD C . -7.17 -19.91 -5.49
C4B NAD C . -7.85 -20.43 -4.25
O4B NAD C . -9.27 -20.17 -4.25
C3B NAD C . -7.65 -21.94 -4.10
O3B NAD C . -7.07 -22.25 -2.82
C2B NAD C . -9.04 -22.48 -4.17
O2B NAD C . -9.18 -23.70 -3.43
C1B NAD C . -9.82 -21.30 -3.59
N9A NAD C . -11.25 -21.54 -3.83
C8A NAD C . -11.86 -21.67 -5.01
N7A NAD C . -13.16 -21.93 -4.81
C5A NAD C . -13.38 -21.99 -3.48
C6A NAD C . -14.52 -22.23 -2.58
N6A NAD C . -15.76 -22.47 -3.09
N1A NAD C . -14.31 -22.18 -1.25
C2A NAD C . -13.09 -21.92 -0.73
N3A NAD C . -12.02 -21.71 -1.49
C4A NAD C . -12.11 -21.73 -2.84
O3 NAD C . -4.68 -19.04 -7.21
PN NAD C . -4.18 -17.61 -6.65
O1N NAD C . -3.68 -16.86 -7.84
O2N NAD C . -3.28 -17.77 -5.46
O5D NAD C . -5.60 -16.95 -6.23
C5D NAD C . -5.84 -16.37 -4.95
C4D NAD C . -6.53 -15.02 -5.08
O4D NAD C . -5.66 -14.12 -5.74
C3D NAD C . -7.79 -15.08 -5.93
O3D NAD C . -8.75 -14.18 -5.37
C2D NAD C . -7.37 -14.54 -7.28
O2D NAD C . -8.46 -13.99 -8.01
C1D NAD C . -6.40 -13.50 -6.79
N1N NAD C . -5.46 -12.99 -7.76
C2N NAD C . -4.68 -13.83 -8.49
C3N NAD C . -3.77 -13.32 -9.41
C7N NAD C . -2.89 -14.22 -10.24
O7N NAD C . -2.49 -13.80 -11.31
N7N NAD C . -2.51 -15.41 -9.78
C4N NAD C . -3.66 -11.94 -9.55
C5N NAD C . -4.46 -11.10 -8.77
C6N NAD C . -5.35 -11.65 -7.87
PA NAD D . 6.13 20.78 7.93
O1A NAD D . 6.10 22.28 7.96
O2A NAD D . 6.58 20.01 9.17
O5B NAD D . 7.06 20.32 6.69
C5B NAD D . 7.05 21.00 5.42
C4B NAD D . 8.51 21.13 5.02
O4B NAD D . 8.68 21.65 3.69
C3B NAD D . 9.25 22.06 5.98
O3B NAD D . 10.29 21.36 6.67
C2B NAD D . 9.81 23.13 5.07
O2B NAD D . 11.08 23.65 5.50
C1B NAD D . 9.90 22.39 3.74
N9A NAD D . 10.15 23.38 2.66
C8A NAD D . 9.36 24.43 2.34
N7A NAD D . 9.93 25.13 1.32
C5A NAD D . 11.09 24.56 1.01
C6A NAD D . 12.19 24.78 0.05
N6A NAD D . 12.14 25.83 -0.82
N1A NAD D . 13.25 23.92 0.05
C2A NAD D . 13.32 22.87 0.91
N3A NAD D . 12.35 22.61 1.81
C4A NAD D . 11.24 23.39 1.91
O3 NAD D . 4.68 20.26 7.48
PN NAD D . 4.31 18.72 7.15
O1N NAD D . 2.83 18.54 7.37
O2N NAD D . 5.25 17.78 7.85
O5D NAD D . 4.58 18.70 5.56
C5D NAD D . 5.36 17.68 4.93
C4D NAD D . 4.71 17.25 3.61
O4D NAD D . 3.56 16.48 3.88
C3D NAD D . 4.23 18.41 2.74
O3D NAD D . 4.53 18.10 1.39
C2D NAD D . 2.74 18.47 3.00
O2D NAD D . 2.00 19.05 1.91
C1D NAD D . 2.44 17.01 3.16
N1N NAD D . 1.18 16.69 3.85
C2N NAD D . 0.85 17.24 5.04
C3N NAD D . -0.35 16.91 5.68
C7N NAD D . -0.71 17.52 7.00
O7N NAD D . -1.89 17.69 7.28
N7N NAD D . 0.25 17.85 7.86
C4N NAD D . -1.21 16.01 5.07
C5N NAD D . -0.85 15.47 3.85
C6N NAD D . 0.35 15.82 3.26
#